data_2WO1
#
_entry.id   2WO1
#
_cell.length_a   48.736
_cell.length_b   73.228
_cell.length_c   54.420
_cell.angle_alpha   90.00
_cell.angle_beta   98.35
_cell.angle_gamma   90.00
#
_symmetry.space_group_name_H-M   'P 1 21 1'
#
loop_
_entity.id
_entity.type
_entity.pdbx_description
1 polymer 'EPHRIN TYPE-A RECEPTOR'
2 non-polymer N-PROPANOL
3 water water
#
_entity_poly.entity_id   1
_entity_poly.type   'polypeptide(L)'
_entity_poly.pdbx_seq_one_letter_code
;ETGEVTLLDSRSVQGELGWIASPLEGGWEEVSIMDEKNTPIRTYQVCNVMEPSQNNWLRTDWITREGAQRVYIEIKFTLR
DCNSLPGVMGTCKETFNLYYYESDNDKERFIRENQFVKIDTIAADESFTQVDIGDRIMKLNTEIRDVGPLSKKGFYLAFQ
DVGACIALVSVRVFYKRTKHHHHHH
;
_entity_poly.pdbx_strand_id   A,B
#
loop_
_chem_comp.id
_chem_comp.type
_chem_comp.name
_chem_comp.formula
POL non-polymer N-PROPANOL 'C3 H8 O'
#
# COMPACT_ATOMS: atom_id res chain seq x y z
N GLU A 1 -6.68 13.01 -12.17
CA GLU A 1 -6.01 13.50 -10.92
C GLU A 1 -4.60 12.96 -10.82
N THR A 2 -3.84 13.46 -9.83
CA THR A 2 -2.41 13.19 -9.70
C THR A 2 -2.14 12.27 -8.49
N GLY A 3 -0.86 12.01 -8.20
CA GLY A 3 -0.50 11.18 -7.06
C GLY A 3 0.48 10.08 -7.37
N GLU A 4 0.87 9.37 -6.31
CA GLU A 4 1.83 8.30 -6.41
C GLU A 4 1.11 7.01 -6.69
N VAL A 5 1.55 6.28 -7.71
CA VAL A 5 1.03 4.93 -8.02
C VAL A 5 2.05 3.90 -7.58
N THR A 6 1.67 3.04 -6.63
CA THR A 6 2.59 2.12 -6.02
C THR A 6 2.74 0.83 -6.87
N LEU A 7 3.97 0.51 -7.24
CA LEU A 7 4.33 -0.71 -7.98
C LEU A 7 4.67 -1.89 -7.06
N LEU A 8 5.30 -1.59 -5.93
CA LEU A 8 5.61 -2.59 -4.89
C LEU A 8 5.69 -1.87 -3.55
N ASP A 9 5.06 -2.44 -2.54
CA ASP A 9 5.13 -1.93 -1.17
C ASP A 9 5.41 -3.13 -0.27
N SER A 10 6.68 -3.28 0.13
CA SER A 10 7.11 -4.47 0.82
C SER A 10 6.29 -4.74 2.09
N ARG A 11 5.87 -3.68 2.77
CA ARG A 11 5.08 -3.82 4.00
C ARG A 11 3.69 -4.37 3.80
N SER A 12 3.17 -4.27 2.58
CA SER A 12 1.84 -4.74 2.27
C SER A 12 1.88 -6.15 1.72
N VAL A 13 3.06 -6.66 1.37
CA VAL A 13 3.14 -7.94 0.67
C VAL A 13 2.60 -9.04 1.54
N GLN A 14 1.64 -9.79 0.99
CA GLN A 14 0.99 -10.86 1.72
C GLN A 14 1.62 -12.18 1.30
N GLY A 15 2.32 -12.83 2.23
CA GLY A 15 3.06 -14.06 1.95
C GLY A 15 4.55 -13.76 1.83
N GLU A 16 5.26 -14.63 1.13
CA GLU A 16 6.71 -14.50 1.00
C GLU A 16 7.08 -13.35 0.08
N LEU A 17 8.15 -12.65 0.44
CA LEU A 17 8.64 -11.54 -0.38
C LEU A 17 9.23 -12.04 -1.71
N GLY A 18 9.93 -13.17 -1.68
CA GLY A 18 10.57 -13.69 -2.90
C GLY A 18 11.88 -13.00 -3.23
N TRP A 19 12.49 -12.38 -2.22
CA TRP A 19 13.72 -11.65 -2.44
C TRP A 19 14.87 -12.62 -2.26
N ILE A 20 15.99 -12.33 -2.92
CA ILE A 20 17.11 -13.24 -2.98
C ILE A 20 18.35 -12.62 -2.36
N ALA A 21 18.89 -13.25 -1.31
CA ALA A 21 20.11 -12.80 -0.67
C ALA A 21 21.33 -13.56 -1.19
N SER A 22 22.40 -12.81 -1.44
CA SER A 22 23.69 -13.37 -1.84
CA SER A 22 23.69 -13.38 -1.83
C SER A 22 24.79 -12.73 -1.00
N PRO A 23 25.41 -13.47 -0.07
CA PRO A 23 25.23 -14.88 0.31
C PRO A 23 23.86 -15.22 0.90
N LEU A 24 23.46 -16.48 0.78
CA LEU A 24 22.16 -16.93 1.29
C LEU A 24 22.03 -16.88 2.81
N GLU A 25 23.14 -17.08 3.52
CA GLU A 25 23.12 -17.06 4.98
C GLU A 25 24.30 -16.23 5.43
N GLY A 26 24.14 -15.59 6.58
CA GLY A 26 25.21 -14.81 7.19
C GLY A 26 25.35 -13.39 6.70
N GLY A 27 24.57 -13.03 5.66
CA GLY A 27 24.54 -11.68 5.12
C GLY A 27 23.19 -11.08 5.43
N TRP A 28 22.48 -10.62 4.41
CA TRP A 28 21.12 -10.13 4.63
C TRP A 28 20.21 -11.27 5.07
N GLU A 29 19.47 -11.06 6.16
CA GLU A 29 18.57 -12.10 6.71
C GLU A 29 17.21 -11.51 7.05
N GLU A 30 16.14 -12.26 6.75
CA GLU A 30 14.80 -11.83 7.11
C GLU A 30 14.63 -12.06 8.61
N VAL A 31 14.31 -10.99 9.33
CA VAL A 31 14.08 -11.04 10.76
C VAL A 31 12.76 -10.38 11.09
N SER A 32 11.91 -11.03 11.88
CA SER A 32 10.68 -10.41 12.33
C SER A 32 10.92 -9.72 13.66
N ILE A 33 10.45 -8.48 13.77
CA ILE A 33 10.57 -7.73 15.01
C ILE A 33 9.17 -7.33 15.46
N MET A 34 8.99 -7.26 16.77
CA MET A 34 7.66 -7.23 17.34
C MET A 34 7.24 -5.86 17.84
N ASP A 35 6.71 -5.02 16.94
CA ASP A 35 6.05 -3.77 17.34
C ASP A 35 4.60 -4.06 17.66
N LYS A 37 2.66 -1.50 19.08
CA LYS A 37 1.74 -2.61 19.37
C LYS A 37 2.55 -3.83 19.83
N ASN A 38 2.13 -5.02 19.43
CA ASN A 38 2.98 -6.22 19.54
C ASN A 38 2.87 -7.11 18.28
N THR A 39 2.49 -6.49 17.16
CA THR A 39 2.28 -7.23 15.91
C THR A 39 3.65 -7.45 15.24
N PRO A 40 3.93 -8.69 14.80
CA PRO A 40 5.23 -9.02 14.18
C PRO A 40 5.42 -8.38 12.82
N ILE A 41 6.52 -7.64 12.64
CA ILE A 41 6.82 -7.04 11.35
C ILE A 41 8.18 -7.46 10.79
N ARG A 42 8.14 -7.64 9.47
CA ARG A 42 9.20 -8.23 8.71
C ARG A 42 10.25 -7.16 8.45
N THR A 43 11.53 -7.53 8.60
CA THR A 43 12.65 -6.68 8.20
C THR A 43 13.69 -7.55 7.49
N TYR A 44 14.55 -6.93 6.71
CA TYR A 44 15.77 -7.59 6.26
C TYR A 44 16.95 -6.88 6.89
N GLN A 45 17.80 -7.65 7.56
CA GLN A 45 18.83 -7.11 8.44
C GLN A 45 20.19 -7.70 8.09
N VAL A 46 21.24 -6.91 8.26
CA VAL A 46 22.62 -7.39 8.17
C VAL A 46 23.46 -6.53 9.11
N CYS A 47 24.45 -7.14 9.77
CA CYS A 47 25.28 -6.40 10.71
C CYS A 47 26.66 -7.03 10.88
N ASN A 48 27.40 -7.18 9.79
CA ASN A 48 28.75 -7.77 9.85
C ASN A 48 29.82 -6.65 9.99
N VAL A 49 29.57 -5.75 10.95
CA VAL A 49 30.38 -4.54 11.10
C VAL A 49 31.80 -4.81 11.62
N MET A 50 32.06 -6.01 12.14
CA MET A 50 33.41 -6.38 12.60
C MET A 50 34.26 -7.05 11.53
N GLU A 51 33.65 -7.31 10.37
CA GLU A 51 34.25 -8.16 9.34
CA GLU A 51 34.25 -8.16 9.34
C GLU A 51 34.70 -7.33 8.15
N PRO A 52 35.88 -7.63 7.61
CA PRO A 52 36.31 -6.96 6.39
C PRO A 52 35.66 -7.56 5.13
N SER A 53 35.82 -6.88 3.99
CA SER A 53 35.44 -7.44 2.69
C SER A 53 33.99 -7.90 2.67
N GLN A 54 33.08 -7.06 3.15
CA GLN A 54 31.67 -7.37 3.09
C GLN A 54 31.13 -6.96 1.72
N ASN A 55 30.35 -7.84 1.13
CA ASN A 55 29.69 -7.62 -0.15
C ASN A 55 28.40 -8.43 -0.15
N ASN A 56 27.45 -7.96 0.64
CA ASN A 56 26.20 -8.67 0.85
C ASN A 56 25.10 -8.03 0.03
N TRP A 57 24.52 -8.81 -0.86
CA TRP A 57 23.52 -8.33 -1.81
C TRP A 57 22.16 -8.88 -1.46
N LEU A 58 21.13 -8.07 -1.71
CA LEU A 58 19.76 -8.49 -1.53
C LEU A 58 19.02 -7.92 -2.71
N ARG A 59 18.38 -8.76 -3.50
CA ARG A 59 17.60 -8.27 -4.62
C ARG A 59 16.12 -8.59 -4.52
N THR A 60 15.32 -7.67 -5.01
CA THR A 60 13.90 -7.90 -5.09
C THR A 60 13.60 -8.94 -6.16
N ASP A 61 12.36 -9.39 -6.19
CA ASP A 61 11.81 -10.04 -7.38
C ASP A 61 11.51 -8.98 -8.44
N TRP A 62 11.03 -9.42 -9.59
CA TRP A 62 10.77 -8.52 -10.71
C TRP A 62 9.63 -7.59 -10.40
N ILE A 63 9.85 -6.32 -10.72
CA ILE A 63 8.86 -5.26 -10.55
C ILE A 63 8.48 -4.72 -11.93
N THR A 64 7.20 -4.77 -12.27
CA THR A 64 6.73 -4.13 -13.51
C THR A 64 6.82 -2.61 -13.43
N ARG A 65 7.17 -1.94 -14.54
CA ARG A 65 7.11 -0.47 -14.59
C ARG A 65 5.77 0.01 -15.12
N GLU A 66 4.93 -0.91 -15.59
CA GLU A 66 3.65 -0.52 -16.23
C GLU A 66 3.98 0.44 -17.36
N GLY A 67 3.34 1.61 -17.42
CA GLY A 67 3.62 2.57 -18.49
C GLY A 67 4.56 3.69 -18.09
N ALA A 68 5.08 3.61 -16.87
CA ALA A 68 5.80 4.72 -16.28
C ALA A 68 7.25 4.63 -16.70
N GLN A 69 7.91 5.77 -16.84
CA GLN A 69 9.34 5.75 -17.14
C GLN A 69 10.23 6.23 -16.00
N ARG A 70 9.71 7.05 -15.10
CA ARG A 70 10.46 7.47 -13.92
C ARG A 70 9.90 6.77 -12.68
N VAL A 71 10.78 6.09 -11.94
CA VAL A 71 10.35 5.34 -10.76
C VAL A 71 11.11 5.84 -9.55
N TYR A 72 10.38 5.94 -8.44
CA TYR A 72 10.87 6.39 -7.15
C TYR A 72 10.95 5.19 -6.21
N ILE A 73 12.02 5.15 -5.41
CA ILE A 73 12.29 4.08 -4.46
C ILE A 73 12.42 4.71 -3.09
N GLU A 74 11.47 4.40 -2.21
CA GLU A 74 11.45 4.96 -0.89
C GLU A 74 11.89 3.86 0.08
N ILE A 75 12.95 4.11 0.81
CA ILE A 75 13.49 3.12 1.73
C ILE A 75 13.41 3.63 3.16
N LYS A 76 12.78 2.86 4.04
CA LYS A 76 12.78 3.15 5.46
C LYS A 76 13.68 2.14 6.16
N PHE A 77 14.62 2.66 6.93
CA PHE A 77 15.65 1.83 7.48
C PHE A 77 16.25 2.40 8.76
N THR A 78 16.80 1.50 9.57
CA THR A 78 17.62 1.89 10.71
C THR A 78 19.07 1.65 10.34
N LEU A 79 19.96 2.42 10.94
CA LEU A 79 21.39 2.30 10.64
C LEU A 79 22.17 2.74 11.85
N ARG A 80 23.02 1.86 12.37
CA ARG A 80 23.74 2.14 13.60
C ARG A 80 24.98 3.00 13.39
N ASP A 81 25.20 3.92 14.34
CA ASP A 81 26.40 4.73 14.43
C ASP A 81 27.58 3.80 14.70
N CYS A 82 28.56 3.80 13.82
CA CYS A 82 29.77 2.98 14.01
C CYS A 82 30.45 3.33 15.32
N ASN A 83 30.39 4.62 15.71
CA ASN A 83 30.92 5.10 16.99
C ASN A 83 30.34 4.38 18.21
N SER A 84 29.10 3.92 18.10
CA SER A 84 28.40 3.28 19.22
C SER A 84 28.67 1.78 19.36
N LEU A 85 29.50 1.23 18.47
CA LEU A 85 29.75 -0.21 18.41
C LEU A 85 31.21 -0.49 18.73
N PRO A 86 31.48 -1.34 19.74
CA PRO A 86 32.88 -1.59 20.05
C PRO A 86 33.54 -2.58 19.09
N GLY A 87 34.84 -2.42 18.90
CA GLY A 87 35.65 -3.35 18.12
C GLY A 87 35.36 -3.40 16.63
N VAL A 88 34.89 -2.30 16.05
CA VAL A 88 34.57 -2.28 14.62
C VAL A 88 35.51 -1.36 13.85
N MET A 89 36.59 -0.94 14.50
CA MET A 89 37.49 0.02 13.88
C MET A 89 38.00 -0.56 12.57
N GLY A 90 37.94 0.23 11.50
CA GLY A 90 38.42 -0.19 10.18
C GLY A 90 37.51 -1.02 9.28
N THR A 91 36.40 -1.55 9.82
CA THR A 91 35.50 -2.44 9.08
C THR A 91 34.04 -1.90 8.96
N CYS A 92 33.62 -1.10 9.95
CA CYS A 92 32.22 -0.63 10.02
C CYS A 92 32.00 0.51 9.04
N LYS A 93 30.82 0.48 8.39
CA LYS A 93 30.43 1.48 7.42
C LYS A 93 29.08 2.04 7.86
N GLU A 94 28.78 3.25 7.38
CA GLU A 94 27.54 3.94 7.72
C GLU A 94 26.74 4.32 6.46
N THR A 95 26.96 3.61 5.37
CA THR A 95 26.13 3.75 4.17
C THR A 95 25.85 2.36 3.58
N PHE A 96 24.90 2.31 2.67
CA PHE A 96 24.74 1.16 1.81
C PHE A 96 24.42 1.65 0.39
N ASN A 97 24.44 0.74 -0.56
CA ASN A 97 24.25 1.10 -1.98
C ASN A 97 22.97 0.56 -2.58
N LEU A 98 22.32 1.37 -3.42
CA LEU A 98 21.12 1.00 -4.12
C LEU A 98 21.42 0.86 -5.60
N TYR A 99 20.98 -0.25 -6.18
CA TYR A 99 21.15 -0.57 -7.60
C TYR A 99 19.86 -0.94 -8.29
N TYR A 100 19.87 -0.96 -9.62
CA TYR A 100 18.76 -1.52 -10.39
C TYR A 100 19.26 -2.21 -11.66
N TYR A 101 18.37 -3.02 -12.22
CA TYR A 101 18.64 -3.78 -13.45
C TYR A 101 17.34 -3.93 -14.20
N GLU A 102 17.29 -3.37 -15.40
CA GLU A 102 16.09 -3.45 -16.26
C GLU A 102 16.02 -4.78 -16.97
N SER A 103 14.81 -5.32 -17.09
CA SER A 103 14.65 -6.61 -17.73
C SER A 103 13.25 -6.83 -18.24
N ASP A 104 13.17 -7.40 -19.42
CA ASP A 104 11.91 -7.89 -19.97
C ASP A 104 11.50 -9.22 -19.32
N ASN A 105 12.44 -9.91 -18.68
CA ASN A 105 12.23 -11.25 -18.14
C ASN A 105 11.88 -11.23 -16.64
N ASP A 106 10.65 -11.63 -16.33
CA ASP A 106 10.13 -11.51 -14.97
C ASP A 106 10.47 -12.67 -14.03
N LYS A 107 11.29 -13.62 -14.48
CA LYS A 107 11.71 -14.73 -13.65
C LYS A 107 13.20 -15.05 -13.83
N GLU A 108 14.04 -14.02 -13.68
CA GLU A 108 15.48 -14.17 -13.79
C GLU A 108 15.95 -15.03 -12.62
N ARG A 109 16.81 -16.00 -12.91
CA ARG A 109 17.37 -16.85 -11.86
C ARG A 109 18.65 -16.21 -11.33
N PHE A 110 19.80 -16.62 -11.86
CA PHE A 110 21.10 -16.04 -11.46
C PHE A 110 21.34 -14.73 -12.21
N ILE A 111 21.42 -13.63 -11.47
CA ILE A 111 21.76 -12.33 -12.04
C ILE A 111 23.15 -11.94 -11.56
N ARG A 112 24.03 -11.56 -12.48
CA ARG A 112 25.39 -11.21 -12.11
C ARG A 112 25.46 -9.83 -11.50
N GLU A 113 26.39 -9.66 -10.58
CA GLU A 113 26.64 -8.38 -9.96
C GLU A 113 26.83 -7.28 -11.02
N ASN A 114 27.55 -7.63 -12.09
CA ASN A 114 27.86 -6.68 -13.17
C ASN A 114 26.69 -6.29 -14.08
N GLN A 115 25.50 -6.85 -13.86
CA GLN A 115 24.33 -6.42 -14.60
C GLN A 115 23.65 -5.25 -13.89
N PHE A 116 23.97 -5.05 -12.61
CA PHE A 116 23.32 -3.99 -11.83
C PHE A 116 24.00 -2.65 -11.98
N VAL A 117 23.17 -1.62 -12.03
CA VAL A 117 23.63 -0.25 -12.19
C VAL A 117 23.33 0.53 -10.90
N LYS A 118 24.37 1.21 -10.39
CA LYS A 118 24.23 1.95 -9.14
C LYS A 118 23.36 3.18 -9.30
N ILE A 119 22.37 3.31 -8.42
CA ILE A 119 21.56 4.52 -8.34
C ILE A 119 22.23 5.54 -7.43
N ASP A 120 22.55 5.14 -6.20
CA ASP A 120 23.23 6.06 -5.28
C ASP A 120 23.73 5.33 -4.05
N THR A 121 24.64 5.98 -3.32
CA THR A 121 24.94 5.63 -1.92
C THR A 121 23.81 6.18 -1.03
N ILE A 122 23.33 5.35 -0.09
CA ILE A 122 22.27 5.74 0.82
C ILE A 122 22.83 5.87 2.24
N ALA A 123 22.56 7.00 2.89
CA ALA A 123 23.02 7.29 4.24
C ALA A 123 21.85 7.80 5.09
N ALA A 124 21.95 7.68 6.42
CA ALA A 124 20.98 8.34 7.30
C ALA A 124 21.18 9.86 7.18
N ASP A 125 20.10 10.63 7.07
CA ASP A 125 20.22 12.08 6.81
C ASP A 125 19.14 12.87 7.60
N GLU A 126 18.36 13.73 6.93
CA GLU A 126 17.47 14.67 7.63
C GLU A 126 16.08 14.09 7.96
N SER A 127 15.62 13.13 7.17
CA SER A 127 14.29 12.58 7.36
C SER A 127 14.33 11.30 8.19
N PHE A 128 13.78 11.39 9.39
CA PHE A 128 13.60 10.24 10.26
C PHE A 128 12.53 10.50 11.30
N THR A 129 12.03 9.42 11.89
CA THR A 129 11.09 9.46 13.00
C THR A 129 11.63 8.59 14.12
N GLN A 130 11.25 8.86 15.36
CA GLN A 130 11.61 7.97 16.46
C GLN A 130 10.37 7.15 16.80
N VAL A 131 10.49 5.82 16.74
CA VAL A 131 9.35 4.91 16.99
C VAL A 131 9.77 3.55 17.59
N ASP A 132 8.78 2.73 17.98
CA ASP A 132 8.93 1.31 18.38
C ASP A 132 8.95 1.16 19.90
N ASP A 135 10.23 -1.84 24.41
CA ASP A 135 11.30 -2.62 23.77
C ASP A 135 12.56 -1.77 23.54
N ARG A 136 12.60 -1.08 22.40
CA ARG A 136 13.62 -0.09 22.05
C ARG A 136 12.89 1.09 21.39
N ILE A 137 13.59 2.21 21.24
CA ILE A 137 13.13 3.32 20.38
C ILE A 137 14.02 3.24 19.15
N MET A 138 13.44 3.01 17.98
CA MET A 138 14.24 3.00 16.76
C MET A 138 14.16 4.33 16.03
N LYS A 139 15.32 4.78 15.58
CA LYS A 139 15.45 5.92 14.70
C LYS A 139 15.22 5.44 13.28
N LEU A 140 14.04 5.68 12.74
CA LEU A 140 13.69 5.13 11.45
C LEU A 140 13.87 6.16 10.36
N ASN A 141 14.91 5.99 9.54
CA ASN A 141 15.25 6.91 8.47
C ASN A 141 14.42 6.67 7.22
N THR A 142 14.12 7.73 6.48
CA THR A 142 13.46 7.57 5.18
C THR A 142 14.32 8.24 4.10
N GLU A 143 14.70 7.46 3.09
CA GLU A 143 15.43 8.03 1.94
C GLU A 143 14.72 7.64 0.66
N ILE A 144 14.68 8.58 -0.28
CA ILE A 144 14.07 8.37 -1.57
C ILE A 144 15.06 8.68 -2.69
N ARG A 145 15.17 7.78 -3.66
CA ARG A 145 15.87 8.02 -4.88
C ARG A 145 14.96 7.76 -6.08
N ASP A 146 15.36 8.24 -7.25
CA ASP A 146 14.59 7.93 -8.45
C ASP A 146 15.49 7.60 -9.62
N VAL A 147 14.90 6.93 -10.59
CA VAL A 147 15.59 6.53 -11.80
C VAL A 147 14.65 6.65 -12.97
N GLY A 148 15.19 7.09 -14.09
CA GLY A 148 14.44 7.12 -15.35
C GLY A 148 15.31 7.74 -16.44
N PRO A 149 14.94 7.51 -17.71
CA PRO A 149 13.76 6.75 -18.11
C PRO A 149 14.01 5.26 -18.23
N LEU A 150 13.13 4.45 -17.63
CA LEU A 150 13.16 3.00 -17.82
C LEU A 150 12.37 2.64 -19.05
N SER A 151 12.85 1.63 -19.78
CA SER A 151 12.29 1.30 -21.07
C SER A 151 12.03 -0.20 -21.34
N LYS A 152 12.34 -1.07 -20.39
CA LYS A 152 12.02 -2.49 -20.50
C LYS A 152 10.74 -2.80 -19.70
N LYS A 153 10.24 -4.02 -19.76
CA LYS A 153 8.94 -4.35 -19.15
C LYS A 153 8.95 -4.10 -17.65
N GLY A 154 10.08 -4.38 -17.03
CA GLY A 154 10.25 -4.20 -15.59
C GLY A 154 11.69 -4.12 -15.17
N PHE A 155 11.93 -4.34 -13.89
CA PHE A 155 13.26 -4.19 -13.31
C PHE A 155 13.37 -4.91 -11.98
N TYR A 156 14.61 -5.13 -11.57
CA TYR A 156 14.95 -5.64 -10.25
C TYR A 156 15.67 -4.55 -9.49
N LEU A 157 15.41 -4.45 -8.20
CA LEU A 157 16.19 -3.57 -7.35
C LEU A 157 17.13 -4.41 -6.50
N ALA A 158 18.23 -3.81 -6.10
CA ALA A 158 19.14 -4.47 -5.16
C ALA A 158 19.80 -3.52 -4.20
N PHE A 159 20.10 -4.08 -3.02
CA PHE A 159 20.70 -3.36 -1.92
C PHE A 159 21.98 -4.07 -1.60
N GLN A 160 23.09 -3.34 -1.66
CA GLN A 160 24.39 -3.91 -1.35
C GLN A 160 24.90 -3.33 -0.05
N ASP A 161 25.22 -4.22 0.88
CA ASP A 161 25.80 -3.83 2.13
C ASP A 161 27.30 -4.13 2.08
N VAL A 162 28.09 -3.16 2.53
CA VAL A 162 29.55 -3.24 2.52
C VAL A 162 30.13 -3.13 3.93
N GLY A 163 29.32 -3.43 4.94
CA GLY A 163 29.81 -3.49 6.33
C GLY A 163 29.11 -2.55 7.30
N ALA A 164 27.81 -2.32 7.10
CA ALA A 164 27.00 -1.52 8.01
C ALA A 164 26.09 -2.39 8.88
N CYS A 165 25.50 -1.79 9.89
CA CYS A 165 24.49 -2.43 10.73
C CYS A 165 23.12 -1.83 10.41
N ILE A 166 22.38 -2.48 9.53
CA ILE A 166 21.21 -1.95 8.85
C ILE A 166 20.03 -2.90 8.97
N ALA A 167 18.86 -2.37 9.30
CA ALA A 167 17.59 -3.05 9.10
C ALA A 167 16.71 -2.28 8.11
N LEU A 168 16.35 -2.95 7.00
CA LEU A 168 15.37 -2.41 6.07
C LEU A 168 13.99 -2.76 6.58
N VAL A 169 13.22 -1.72 6.85
CA VAL A 169 11.87 -1.86 7.42
C VAL A 169 10.79 -1.74 6.34
N SER A 170 11.07 -0.97 5.30
CA SER A 170 10.09 -0.72 4.23
C SER A 170 10.81 -0.39 2.92
N VAL A 171 10.38 -1.02 1.83
CA VAL A 171 10.77 -0.61 0.49
C VAL A 171 9.48 -0.40 -0.30
N ARG A 172 9.33 0.81 -0.82
CA ARG A 172 8.14 1.15 -1.60
C ARG A 172 8.61 1.75 -2.93
N VAL A 173 8.08 1.22 -4.01
CA VAL A 173 8.46 1.62 -5.33
C VAL A 173 7.22 2.14 -6.03
N PHE A 174 7.33 3.34 -6.58
CA PHE A 174 6.17 4.01 -7.13
C PHE A 174 6.55 4.94 -8.26
N TYR A 175 5.54 5.32 -9.03
CA TYR A 175 5.68 6.41 -9.97
C TYR A 175 4.65 7.48 -9.70
N LYS A 176 4.77 8.62 -10.38
CA LYS A 176 3.86 9.72 -10.19
C LYS A 176 2.97 9.89 -11.41
N ARG A 177 1.67 10.03 -11.17
CA ARG A 177 0.69 10.33 -12.22
C ARG A 177 0.65 11.83 -12.37
N THR A 178 0.21 12.28 -13.54
CA THR A 178 0.13 13.70 -13.81
C THR A 178 -1.10 13.99 -14.66
N LYS A 179 -2.25 13.52 -14.19
CA LYS A 179 -3.51 13.74 -14.90
C LYS A 179 -4.18 15.02 -14.36
N HIS A 180 -3.73 16.16 -14.88
CA HIS A 180 -4.17 17.47 -14.38
C HIS A 180 -5.64 17.73 -14.73
N HIS A 181 -6.34 18.47 -13.87
CA HIS A 181 -7.77 18.74 -14.06
C HIS A 181 -7.98 19.84 -15.10
N HIS A 182 -9.09 19.72 -15.83
CA HIS A 182 -9.46 20.71 -16.84
C HIS A 182 -10.41 21.75 -16.23
N HIS A 183 -9.99 23.01 -16.32
CA HIS A 183 -10.79 24.16 -15.91
C HIS A 183 -10.18 25.43 -16.52
N GLY B 3 -34.85 -12.06 -3.65
CA GLY B 3 -34.13 -12.98 -4.56
C GLY B 3 -32.63 -12.71 -4.64
N GLU B 4 -32.03 -12.27 -3.53
CA GLU B 4 -30.62 -11.89 -3.49
C GLU B 4 -29.75 -12.85 -2.67
N VAL B 5 -28.55 -13.14 -3.17
CA VAL B 5 -27.56 -13.94 -2.45
C VAL B 5 -26.34 -13.08 -2.10
N THR B 6 -26.05 -12.96 -0.81
CA THR B 6 -25.04 -12.01 -0.37
C THR B 6 -23.67 -12.68 -0.30
N LEU B 7 -22.72 -12.07 -1.01
CA LEU B 7 -21.33 -12.55 -1.09
C LEU B 7 -20.44 -11.85 -0.07
N LEU B 8 -20.75 -10.58 0.22
CA LEU B 8 -20.06 -9.85 1.28
CA LEU B 8 -20.07 -9.86 1.28
C LEU B 8 -21.02 -8.85 1.90
N ASP B 9 -21.01 -8.76 3.22
CA ASP B 9 -21.81 -7.78 3.99
C ASP B 9 -20.93 -7.30 5.16
N SER B 10 -20.36 -6.11 4.97
CA SER B 10 -19.37 -5.55 5.90
C SER B 10 -19.95 -5.37 7.30
N ARG B 11 -21.25 -5.06 7.37
CA ARG B 11 -21.94 -4.93 8.67
C ARG B 11 -21.94 -6.23 9.47
N SER B 12 -22.06 -7.37 8.79
CA SER B 12 -22.08 -8.70 9.40
C SER B 12 -20.77 -9.12 10.06
N VAL B 13 -19.65 -8.55 9.63
CA VAL B 13 -18.34 -8.96 10.14
C VAL B 13 -18.09 -8.33 11.51
N GLN B 14 -17.64 -9.14 12.48
CA GLN B 14 -17.27 -8.62 13.81
C GLN B 14 -15.75 -8.59 14.00
N GLY B 15 -15.26 -7.58 14.71
CA GLY B 15 -13.83 -7.41 15.00
C GLY B 15 -13.23 -6.30 14.14
N GLU B 16 -12.06 -6.57 13.57
CA GLU B 16 -11.46 -5.66 12.58
C GLU B 16 -11.55 -6.31 11.20
N LEU B 17 -11.91 -5.51 10.20
CA LEU B 17 -11.97 -6.00 8.82
C LEU B 17 -10.55 -6.27 8.31
N GLY B 18 -9.62 -5.41 8.73
CA GLY B 18 -8.21 -5.52 8.37
C GLY B 18 -7.93 -5.41 6.88
N TRP B 19 -8.78 -4.68 6.16
CA TRP B 19 -8.71 -4.58 4.70
C TRP B 19 -7.41 -3.91 4.33
N ILE B 20 -6.94 -4.11 3.12
CA ILE B 20 -5.63 -3.61 2.73
C ILE B 20 -5.71 -2.18 2.13
N ALA B 21 -4.96 -1.27 2.74
CA ALA B 21 -4.91 0.12 2.31
C ALA B 21 -3.56 0.46 1.68
N SER B 22 -3.60 1.35 0.69
CA SER B 22 -2.38 1.91 0.09
C SER B 22 -2.65 3.39 -0.14
N PRO B 23 -1.97 4.29 0.60
CA PRO B 23 -0.95 4.02 1.61
C PRO B 23 -1.50 3.28 2.82
N LEU B 24 -0.60 2.57 3.50
CA LEU B 24 -0.95 1.76 4.67
C LEU B 24 -1.34 2.61 5.87
N GLU B 25 -0.83 3.84 5.95
CA GLU B 25 -1.18 4.74 7.04
C GLU B 25 -1.38 6.14 6.49
N GLY B 26 -2.23 6.92 7.13
CA GLY B 26 -2.44 8.31 6.73
C GLY B 26 -3.50 8.50 5.65
N GLY B 27 -3.92 7.42 5.00
CA GLY B 27 -4.94 7.44 3.96
C GLY B 27 -6.22 6.89 4.56
N TRP B 28 -6.78 5.84 3.94
CA TRP B 28 -7.95 5.19 4.50
C TRP B 28 -7.57 4.53 5.83
N GLU B 29 -8.39 4.78 6.84
CA GLU B 29 -8.17 4.26 8.20
C GLU B 29 -9.48 3.73 8.74
N GLU B 30 -9.39 2.62 9.46
CA GLU B 30 -10.54 2.01 10.07
C GLU B 30 -10.80 2.76 11.36
N VAL B 31 -12.02 3.27 11.49
CA VAL B 31 -12.40 4.03 12.69
C VAL B 31 -13.53 3.28 13.36
N SER B 32 -13.35 2.99 14.65
CA SER B 32 -14.37 2.37 15.47
C SER B 32 -14.74 3.35 16.58
N ILE B 33 -15.87 4.02 16.41
CA ILE B 33 -16.40 4.89 17.45
C ILE B 33 -17.33 4.04 18.32
N MET B 34 -16.92 3.82 19.57
CA MET B 34 -17.65 2.94 20.46
C MET B 34 -18.81 3.70 21.09
N ASP B 35 -19.92 3.79 20.34
CA ASP B 35 -21.12 4.49 20.82
C ASP B 35 -22.40 4.09 20.07
N GLU B 36 -23.25 3.32 20.76
CA GLU B 36 -24.59 2.96 20.27
C GLU B 36 -25.43 2.33 21.38
N LYS B 37 -25.21 2.79 22.61
CA LYS B 37 -25.49 2.01 23.83
C LYS B 37 -24.26 1.12 24.08
N ASN B 38 -23.08 1.75 24.04
CA ASN B 38 -21.79 1.10 24.33
C ASN B 38 -21.34 0.09 23.25
N THR B 39 -21.91 0.18 22.05
CA THR B 39 -21.61 -0.74 20.94
C THR B 39 -20.76 -0.03 19.87
N PRO B 40 -19.74 -0.73 19.33
CA PRO B 40 -18.88 -0.10 18.33
C PRO B 40 -19.60 0.16 17.00
N ILE B 41 -19.23 1.27 16.36
CA ILE B 41 -19.68 1.60 15.02
C ILE B 41 -18.41 1.72 14.18
N ARG B 42 -18.26 0.81 13.21
CA ARG B 42 -17.05 0.69 12.41
C ARG B 42 -17.23 1.36 11.06
N THR B 43 -16.27 2.21 10.68
CA THR B 43 -16.27 2.84 9.37
C THR B 43 -14.87 2.87 8.81
N TYR B 44 -14.74 3.08 7.50
CA TYR B 44 -13.45 3.42 6.91
C TYR B 44 -13.50 4.88 6.47
N GLN B 45 -12.52 5.67 6.93
CA GLN B 45 -12.55 7.11 6.73
C GLN B 45 -11.25 7.62 6.15
N VAL B 46 -11.38 8.67 5.34
CA VAL B 46 -10.25 9.49 4.96
C VAL B 46 -10.74 10.94 4.74
N CYS B 47 -9.87 11.90 5.05
CA CYS B 47 -10.21 13.33 4.94
C CYS B 47 -8.97 14.18 4.76
N ASN B 48 -8.20 13.89 3.72
CA ASN B 48 -6.94 14.59 3.46
C ASN B 48 -7.13 15.73 2.48
N VAL B 49 -8.14 16.56 2.73
CA VAL B 49 -8.50 17.60 1.76
C VAL B 49 -7.48 18.77 1.73
N MET B 50 -6.56 18.82 2.66
CA MET B 50 -5.56 19.93 2.71
C MET B 50 -4.19 19.55 2.16
N GLU B 51 -4.02 18.29 1.78
CA GLU B 51 -2.78 17.82 1.19
C GLU B 51 -3.03 17.46 -0.28
N PRO B 52 -2.17 17.93 -1.19
CA PRO B 52 -2.42 17.69 -2.61
C PRO B 52 -2.11 16.26 -3.04
N SER B 53 -2.53 15.91 -4.24
CA SER B 53 -2.11 14.67 -4.88
C SER B 53 -2.56 13.41 -4.15
N GLN B 54 -3.78 13.41 -3.62
CA GLN B 54 -4.29 12.26 -2.90
C GLN B 54 -4.61 11.12 -3.86
N ASN B 55 -4.22 9.92 -3.45
CA ASN B 55 -4.48 8.70 -4.24
C ASN B 55 -4.53 7.53 -3.28
N ASN B 56 -5.59 7.51 -2.48
CA ASN B 56 -5.73 6.61 -1.35
C ASN B 56 -6.63 5.45 -1.73
N TRP B 57 -6.05 4.26 -1.70
CA TRP B 57 -6.72 3.03 -2.07
C TRP B 57 -7.02 2.17 -0.86
N LEU B 58 -8.18 1.51 -0.92
CA LEU B 58 -8.60 0.54 0.06
C LEU B 58 -9.23 -0.61 -0.72
N ARG B 59 -8.77 -1.84 -0.47
CA ARG B 59 -9.37 -2.99 -1.17
C ARG B 59 -9.90 -4.01 -0.18
N THR B 60 -10.96 -4.69 -0.59
CA THR B 60 -11.52 -5.79 0.18
C THR B 60 -10.57 -6.96 0.10
N ASP B 61 -10.82 -8.00 0.89
N ASP B 61 -10.81 -7.99 0.89
CA ASP B 61 -10.21 -9.30 0.67
CA ASP B 61 -10.18 -9.29 0.65
C ASP B 61 -10.91 -9.95 -0.53
C ASP B 61 -10.90 -9.95 -0.53
N TRP B 62 -10.48 -11.16 -0.88
CA TRP B 62 -11.04 -11.88 -2.01
C TRP B 62 -12.50 -12.26 -1.77
N ILE B 63 -13.35 -12.00 -2.76
CA ILE B 63 -14.76 -12.30 -2.67
C ILE B 63 -15.09 -13.37 -3.70
N THR B 64 -15.61 -14.50 -3.26
CA THR B 64 -16.01 -15.55 -4.18
C THR B 64 -17.22 -15.08 -4.99
N ARG B 65 -17.30 -15.43 -6.28
CA ARG B 65 -18.51 -15.08 -7.03
C ARG B 65 -19.58 -16.18 -6.99
N GLU B 66 -19.25 -17.34 -6.43
CA GLU B 66 -20.18 -18.49 -6.33
C GLU B 66 -20.97 -18.76 -7.60
N GLY B 67 -20.31 -18.70 -8.75
CA GLY B 67 -20.97 -18.96 -10.03
C GLY B 67 -21.82 -17.84 -10.60
N ALA B 68 -21.90 -16.72 -9.90
CA ALA B 68 -22.66 -15.56 -10.37
C ALA B 68 -21.97 -14.95 -11.57
N GLN B 69 -22.76 -14.60 -12.58
CA GLN B 69 -22.23 -13.90 -13.73
C GLN B 69 -22.17 -12.39 -13.52
N ARG B 70 -23.14 -11.84 -12.78
CA ARG B 70 -23.28 -10.40 -12.60
C ARG B 70 -23.44 -10.14 -11.10
N VAL B 71 -22.67 -9.21 -10.54
CA VAL B 71 -22.86 -8.90 -9.12
C VAL B 71 -23.15 -7.44 -8.92
N TYR B 72 -23.83 -7.16 -7.80
CA TYR B 72 -24.24 -5.82 -7.45
C TYR B 72 -23.49 -5.41 -6.19
N ILE B 73 -23.08 -4.15 -6.16
CA ILE B 73 -22.27 -3.59 -5.10
C ILE B 73 -23.03 -2.38 -4.52
N GLU B 74 -23.45 -2.47 -3.26
CA GLU B 74 -24.20 -1.41 -2.62
C GLU B 74 -23.31 -0.78 -1.55
N ILE B 75 -23.05 0.52 -1.67
N ILE B 75 -23.06 0.51 -1.67
CA ILE B 75 -22.17 1.21 -0.73
CA ILE B 75 -22.20 1.21 -0.74
C ILE B 75 -22.93 2.32 -0.03
C ILE B 75 -23.05 2.25 -0.02
N LYS B 76 -22.92 2.30 1.30
CA LYS B 76 -23.53 3.36 2.10
C LYS B 76 -22.39 4.19 2.69
N PHE B 77 -22.50 5.51 2.54
CA PHE B 77 -21.41 6.37 2.87
C PHE B 77 -21.88 7.79 3.18
N THR B 78 -21.06 8.46 3.98
CA THR B 78 -21.31 9.83 4.37
C THR B 78 -20.16 10.68 3.90
N LEU B 79 -20.47 11.96 3.67
CA LEU B 79 -19.51 12.95 3.19
C LEU B 79 -19.61 14.22 4.02
N ARG B 80 -18.48 14.89 4.19
CA ARG B 80 -18.45 16.24 4.73
C ARG B 80 -18.40 17.19 3.51
N ASP B 81 -19.35 18.13 3.43
CA ASP B 81 -19.44 19.01 2.27
C ASP B 81 -18.21 19.88 2.13
N CYS B 82 -17.72 20.04 0.90
CA CYS B 82 -16.53 20.86 0.67
C CYS B 82 -16.69 22.35 1.06
N ASN B 83 -17.91 22.89 0.97
N ASN B 83 -17.90 22.89 0.98
CA ASN B 83 -18.20 24.26 1.43
CA ASN B 83 -18.13 24.27 1.41
C ASN B 83 -17.88 24.47 2.91
C ASN B 83 -17.93 24.48 2.92
N SER B 84 -17.84 23.37 3.66
CA SER B 84 -17.64 23.42 5.13
C SER B 84 -16.20 23.11 5.53
N LEU B 85 -15.32 22.97 4.54
CA LEU B 85 -13.92 22.63 4.76
C LEU B 85 -13.03 23.74 4.15
N PRO B 86 -11.78 23.83 4.62
CA PRO B 86 -10.87 24.87 4.12
C PRO B 86 -10.25 24.55 2.78
N GLY B 87 -9.36 25.44 2.34
CA GLY B 87 -8.61 25.24 1.10
C GLY B 87 -8.94 26.36 0.12
N VAL B 88 -8.84 26.03 -1.16
CA VAL B 88 -9.14 26.95 -2.23
C VAL B 88 -10.30 26.38 -3.04
N MET B 89 -11.10 27.23 -3.67
CA MET B 89 -12.27 26.76 -4.40
C MET B 89 -11.78 25.72 -5.41
N GLY B 90 -12.41 24.55 -5.41
CA GLY B 90 -12.06 23.48 -6.35
C GLY B 90 -11.18 22.35 -5.84
N THR B 91 -10.49 22.54 -4.72
CA THR B 91 -9.56 21.50 -4.24
C THR B 91 -10.26 20.27 -3.65
N CYS B 92 -11.22 20.49 -2.78
CA CYS B 92 -11.91 19.41 -2.11
C CYS B 92 -12.87 18.66 -3.06
N LYS B 93 -13.01 17.36 -2.88
CA LYS B 93 -13.88 16.50 -3.71
C LYS B 93 -15.04 15.94 -2.89
N GLU B 94 -16.15 15.62 -3.56
CA GLU B 94 -17.30 15.00 -2.92
C GLU B 94 -17.66 13.66 -3.60
N THR B 95 -16.65 13.07 -4.26
CA THR B 95 -16.80 11.77 -4.93
C THR B 95 -15.66 10.85 -4.55
N PHE B 96 -15.82 9.56 -4.88
CA PHE B 96 -14.76 8.58 -4.78
C PHE B 96 -15.00 7.59 -5.92
N ASN B 97 -13.98 6.79 -6.22
CA ASN B 97 -14.04 5.88 -7.37
C ASN B 97 -14.10 4.44 -6.90
N LEU B 98 -14.87 3.65 -7.65
CA LEU B 98 -15.07 2.24 -7.34
C LEU B 98 -14.46 1.39 -8.44
N TYR B 99 -13.74 0.33 -8.05
CA TYR B 99 -13.00 -0.52 -8.97
C TYR B 99 -13.21 -1.98 -8.60
N TYR B 100 -12.92 -2.89 -9.55
CA TYR B 100 -12.81 -4.32 -9.24
C TYR B 100 -11.67 -5.00 -9.98
N TYR B 101 -11.19 -6.09 -9.39
CA TYR B 101 -10.17 -6.93 -9.99
C TYR B 101 -10.55 -8.40 -9.84
N GLU B 102 -10.74 -9.06 -10.96
CA GLU B 102 -11.08 -10.46 -10.97
C GLU B 102 -9.84 -11.33 -10.83
N SER B 103 -9.93 -12.37 -9.99
CA SER B 103 -8.81 -13.29 -9.81
C SER B 103 -9.27 -14.69 -9.41
N ASP B 104 -8.52 -15.68 -9.86
CA ASP B 104 -8.70 -17.05 -9.36
C ASP B 104 -7.97 -17.26 -8.03
N ASN B 105 -7.09 -16.33 -7.66
CA ASN B 105 -6.21 -16.47 -6.49
C ASN B 105 -6.77 -15.68 -5.32
N ASP B 106 -7.10 -16.40 -4.25
CA ASP B 106 -7.77 -15.83 -3.08
C ASP B 106 -6.82 -15.21 -2.05
N LYS B 107 -5.52 -15.21 -2.36
CA LYS B 107 -4.50 -14.68 -1.47
C LYS B 107 -3.42 -14.01 -2.33
N GLU B 108 -3.87 -13.05 -3.13
CA GLU B 108 -2.98 -12.25 -3.97
C GLU B 108 -1.94 -11.56 -3.11
N ARG B 109 -0.69 -11.54 -3.58
CA ARG B 109 0.41 -11.05 -2.74
C ARG B 109 0.55 -9.52 -2.74
N PHE B 110 0.49 -8.89 -3.92
CA PHE B 110 0.37 -7.44 -4.03
C PHE B 110 -0.38 -7.08 -5.32
N ILE B 111 -1.61 -6.62 -5.14
CA ILE B 111 -2.44 -6.19 -6.26
C ILE B 111 -2.19 -4.71 -6.49
N ARG B 112 -1.66 -4.38 -7.65
CA ARG B 112 -1.40 -3.00 -8.02
C ARG B 112 -2.64 -2.25 -8.46
N GLU B 113 -2.71 -0.96 -8.13
CA GLU B 113 -3.71 -0.04 -8.63
C GLU B 113 -4.11 -0.29 -10.08
N ASN B 114 -3.13 -0.40 -10.96
CA ASN B 114 -3.39 -0.52 -12.39
C ASN B 114 -3.94 -1.89 -12.83
N GLN B 115 -3.98 -2.86 -11.91
CA GLN B 115 -4.69 -4.14 -12.18
C GLN B 115 -6.19 -3.98 -12.01
N PHE B 116 -6.61 -2.95 -11.30
CA PHE B 116 -8.04 -2.71 -11.05
C PHE B 116 -8.72 -2.09 -12.26
N VAL B 117 -10.00 -2.42 -12.40
CA VAL B 117 -10.82 -1.93 -13.50
C VAL B 117 -11.86 -1.02 -12.90
N LYS B 118 -11.96 0.20 -13.43
CA LYS B 118 -12.90 1.18 -12.92
C LYS B 118 -14.34 0.78 -13.21
N ILE B 119 -15.19 0.83 -12.19
CA ILE B 119 -16.63 0.64 -12.36
C ILE B 119 -17.33 1.98 -12.60
N ASP B 120 -17.11 2.94 -11.70
CA ASP B 120 -17.71 4.27 -11.88
C ASP B 120 -17.12 5.22 -10.84
N THR B 121 -17.35 6.50 -11.09
CA THR B 121 -17.22 7.52 -10.07
C THR B 121 -18.51 7.51 -9.27
N ILE B 122 -18.39 7.52 -7.95
CA ILE B 122 -19.54 7.46 -7.03
C ILE B 122 -19.74 8.85 -6.39
N ALA B 123 -20.97 9.36 -6.53
CA ALA B 123 -21.31 10.67 -5.99
C ALA B 123 -22.53 10.53 -5.09
N ALA B 124 -22.78 11.50 -4.23
CA ALA B 124 -24.07 11.54 -3.51
C ALA B 124 -25.10 11.99 -4.53
N ASP B 125 -26.16 11.21 -4.71
CA ASP B 125 -27.16 11.44 -5.76
C ASP B 125 -28.56 11.33 -5.14
N GLU B 126 -29.54 10.76 -5.83
CA GLU B 126 -30.92 10.75 -5.34
C GLU B 126 -31.13 9.95 -4.04
N SER B 127 -30.45 8.81 -3.94
CA SER B 127 -30.68 7.87 -2.85
C SER B 127 -29.92 8.26 -1.58
N PHE B 128 -30.61 8.92 -0.66
CA PHE B 128 -30.05 9.17 0.67
C PHE B 128 -31.15 9.28 1.70
N THR B 129 -30.72 9.18 2.96
CA THR B 129 -31.59 9.26 4.09
C THR B 129 -30.92 10.14 5.12
N GLN B 130 -31.70 10.62 6.07
CA GLN B 130 -31.19 11.27 7.27
C GLN B 130 -31.38 10.29 8.40
N VAL B 131 -30.29 9.98 9.12
CA VAL B 131 -30.34 8.94 10.14
C VAL B 131 -29.54 9.35 11.37
N ASP B 132 -29.89 8.77 12.50
CA ASP B 132 -29.04 8.82 13.68
C ASP B 132 -28.01 7.70 13.60
N ILE B 133 -26.74 8.06 13.38
CA ILE B 133 -25.63 7.11 13.50
C ILE B 133 -24.93 7.43 14.82
N GLY B 134 -24.38 8.64 14.93
CA GLY B 134 -23.98 9.17 16.24
C GLY B 134 -25.23 9.67 16.94
N ASP B 135 -25.06 10.48 17.98
CA ASP B 135 -26.19 11.19 18.55
C ASP B 135 -26.65 12.25 17.54
N ARG B 136 -25.72 12.65 16.67
CA ARG B 136 -26.00 13.59 15.59
C ARG B 136 -26.71 12.91 14.41
N ILE B 137 -27.34 13.75 13.59
CA ILE B 137 -28.00 13.30 12.38
C ILE B 137 -27.00 13.28 11.22
N MET B 138 -26.93 12.17 10.49
CA MET B 138 -26.04 12.01 9.34
C MET B 138 -26.85 11.85 8.06
N LYS B 139 -26.39 12.47 6.99
CA LYS B 139 -26.94 12.24 5.67
C LYS B 139 -26.24 10.99 5.13
N LEU B 140 -26.99 9.87 5.09
CA LEU B 140 -26.45 8.61 4.62
C LEU B 140 -26.81 8.37 3.16
N ASN B 141 -25.79 8.31 2.31
CA ASN B 141 -25.94 8.11 0.88
C ASN B 141 -25.85 6.62 0.58
N THR B 142 -26.74 6.14 -0.28
CA THR B 142 -26.68 4.77 -0.78
C THR B 142 -26.53 4.77 -2.29
N GLU B 143 -25.47 4.14 -2.79
CA GLU B 143 -25.27 3.99 -4.23
C GLU B 143 -25.07 2.52 -4.60
N ILE B 144 -25.65 2.12 -5.71
CA ILE B 144 -25.51 0.75 -6.20
C ILE B 144 -24.92 0.77 -7.62
N ARG B 145 -24.00 -0.16 -7.88
CA ARG B 145 -23.46 -0.39 -9.21
C ARG B 145 -23.42 -1.89 -9.43
N ASP B 146 -23.30 -2.30 -10.68
CA ASP B 146 -23.19 -3.72 -10.96
C ASP B 146 -22.11 -3.97 -12.01
N VAL B 147 -21.57 -5.18 -11.99
CA VAL B 147 -20.44 -5.53 -12.83
C VAL B 147 -20.61 -6.93 -13.36
N GLY B 148 -20.10 -7.14 -14.56
CA GLY B 148 -20.11 -8.44 -15.21
C GLY B 148 -19.87 -8.25 -16.70
N PRO B 149 -19.75 -9.34 -17.43
CA PRO B 149 -19.84 -10.72 -16.94
C PRO B 149 -18.57 -11.21 -16.24
N LEU B 150 -18.72 -11.75 -15.03
CA LEU B 150 -17.58 -12.32 -14.30
C LEU B 150 -17.21 -13.73 -14.79
N SER B 151 -15.93 -14.08 -14.67
CA SER B 151 -15.46 -15.36 -15.19
C SER B 151 -14.32 -16.03 -14.41
N LYS B 152 -13.96 -15.48 -13.26
CA LYS B 152 -12.91 -16.04 -12.46
C LYS B 152 -13.52 -16.44 -11.12
N LYS B 153 -12.80 -17.22 -10.33
CA LYS B 153 -13.37 -17.77 -9.11
C LYS B 153 -13.92 -16.69 -8.19
N GLY B 154 -13.25 -15.55 -8.19
CA GLY B 154 -13.69 -14.43 -7.34
C GLY B 154 -13.11 -13.12 -7.80
N PHE B 155 -13.23 -12.11 -6.94
CA PHE B 155 -12.79 -10.78 -7.27
C PHE B 155 -12.55 -9.97 -6.01
N TYR B 156 -11.78 -8.89 -6.18
CA TYR B 156 -11.52 -7.90 -5.17
C TYR B 156 -12.18 -6.60 -5.58
N LEU B 157 -12.74 -5.88 -4.61
N LEU B 157 -12.78 -5.90 -4.62
CA LEU B 157 -13.24 -4.54 -4.85
CA LEU B 157 -13.27 -4.54 -4.84
C LEU B 157 -12.31 -3.54 -4.21
C LEU B 157 -12.27 -3.56 -4.23
N ALA B 158 -12.19 -2.36 -4.81
CA ALA B 158 -11.35 -1.30 -4.28
C ALA B 158 -12.09 0.03 -4.34
N PHE B 159 -11.74 0.90 -3.39
CA PHE B 159 -12.28 2.23 -3.29
C PHE B 159 -11.10 3.18 -3.31
N GLN B 160 -11.16 4.18 -4.19
CA GLN B 160 -10.10 5.15 -4.36
C GLN B 160 -10.58 6.52 -3.97
N ASP B 161 -9.86 7.12 -3.04
CA ASP B 161 -10.10 8.51 -2.63
C ASP B 161 -9.09 9.44 -3.31
N VAL B 162 -9.57 10.52 -3.92
CA VAL B 162 -8.71 11.51 -4.55
C VAL B 162 -8.80 12.91 -3.91
N GLY B 163 -9.27 12.97 -2.68
CA GLY B 163 -9.31 14.22 -1.93
C GLY B 163 -10.68 14.61 -1.41
N ALA B 164 -11.45 13.61 -0.97
CA ALA B 164 -12.74 13.85 -0.31
C ALA B 164 -12.64 13.71 1.20
N CYS B 165 -13.72 14.03 1.89
CA CYS B 165 -13.81 13.84 3.33
C CYS B 165 -14.98 12.90 3.58
N ILE B 166 -14.65 11.62 3.65
CA ILE B 166 -15.59 10.53 3.41
C ILE B 166 -15.54 9.45 4.48
N ALA B 167 -16.71 8.90 4.82
CA ALA B 167 -16.79 7.69 5.63
C ALA B 167 -17.58 6.61 4.88
N LEU B 168 -16.94 5.47 4.63
CA LEU B 168 -17.67 4.30 4.16
C LEU B 168 -18.31 3.62 5.36
N VAL B 169 -19.63 3.48 5.31
CA VAL B 169 -20.43 2.94 6.43
C VAL B 169 -20.79 1.47 6.23
N SER B 170 -21.09 1.11 4.99
CA SER B 170 -21.46 -0.26 4.67
C SER B 170 -21.07 -0.60 3.22
N VAL B 171 -20.61 -1.83 3.02
CA VAL B 171 -20.43 -2.37 1.67
C VAL B 171 -21.11 -3.75 1.62
N ARG B 172 -22.05 -3.92 0.69
CA ARG B 172 -22.70 -5.20 0.50
C ARG B 172 -22.61 -5.62 -0.97
N VAL B 173 -22.22 -6.85 -1.18
CA VAL B 173 -22.02 -7.38 -2.51
C VAL B 173 -22.91 -8.60 -2.63
N PHE B 174 -23.68 -8.67 -3.71
CA PHE B 174 -24.66 -9.74 -3.86
C PHE B 174 -24.97 -10.05 -5.33
N TYR B 175 -25.53 -11.21 -5.58
CA TYR B 175 -26.08 -11.50 -6.90
C TYR B 175 -27.54 -11.89 -6.75
N LYS B 176 -28.23 -11.95 -7.88
CA LYS B 176 -29.65 -12.20 -7.88
C LYS B 176 -29.90 -13.65 -8.33
N ARG B 177 -30.68 -14.36 -7.52
CA ARG B 177 -30.86 -15.82 -7.63
C ARG B 177 -31.27 -16.35 -9.00
N THR B 178 -32.34 -15.77 -9.55
CA THR B 178 -33.03 -16.30 -10.73
C THR B 178 -33.33 -17.83 -10.65
O POL C . 11.98 -5.21 3.56
C1 POL C . 11.17 -5.36 4.75
C2 POL C . 9.74 -5.76 4.39
C3 POL C . 8.80 -4.58 4.47
O POL D . 2.34 -4.99 -16.66
C1 POL D . 3.10 -5.93 -15.90
C2 POL D . 2.53 -7.34 -15.99
C3 POL D . 3.01 -8.18 -14.82
O POL E . 5.30 1.39 2.99
C1 POL E . 5.04 2.67 3.61
C2 POL E . 5.29 3.79 2.63
C3 POL E . 5.61 5.11 3.28
O POL F . -7.05 15.92 8.20
C1 POL F . -7.93 14.85 8.45
C2 POL F . -9.27 15.39 8.92
C3 POL F . -9.95 14.45 9.87
O POL G . -26.95 -11.94 -10.27
C1 POL G . -27.38 -10.73 -10.88
C2 POL G . -28.14 -10.99 -12.17
C3 POL G . -28.57 -9.69 -12.78
#